data_9EPT
#
_entry.id   9EPT
#
_cell.length_a   37.270
_cell.length_b   37.270
_cell.length_c   101.000
_cell.angle_alpha   90.00
_cell.angle_beta   90.00
_cell.angle_gamma   90.00
#
_symmetry.space_group_name_H-M   'P 41'
#
loop_
_entity.id
_entity.type
_entity.pdbx_description
1 polymer 'Protein PLASTID REDOX INSENSITIVE 2, chloroplastic'
2 non-polymer GLYCEROL
3 water water
#
_entity_poly.entity_id   1
_entity_poly.type   'polypeptide(L)'
_entity_poly.pdbx_seq_one_letter_code
;AAGSHMAAEYKFPDPIPEFAEAETEKFRDHMLNKLSKRDLFEDSVDEIVGVCTEIFETFLRSEYGGPGTLLVIPFIDMAD
TLNERELPGGPQAARAAIKWAQDHVDKDWKEWTGT
;
_entity_poly.pdbx_strand_id   A
#
loop_
_chem_comp.id
_chem_comp.type
_chem_comp.name
_chem_comp.formula
GOL non-polymer GLYCEROL 'C3 H8 O3'
#
# COMPACT_ATOMS: atom_id res chain seq x y z
N ALA A 1 -12.37 14.94 15.96
CA ALA A 1 -11.77 14.08 16.96
C ALA A 1 -12.55 14.13 18.29
N ALA A 2 -13.00 15.32 18.67
CA ALA A 2 -13.79 15.52 19.89
C ALA A 2 -15.07 16.26 19.54
N GLY A 3 -16.22 15.62 19.80
CA GLY A 3 -17.47 16.01 19.15
C GLY A 3 -17.94 17.42 19.43
N SER A 4 -17.65 17.94 20.62
CA SER A 4 -18.15 19.28 20.99
C SER A 4 -17.42 20.42 20.28
N HIS A 5 -16.25 20.16 19.70
CA HIS A 5 -15.51 21.22 19.03
C HIS A 5 -16.17 21.57 17.69
N MET A 6 -15.70 22.66 17.09
CA MET A 6 -16.22 23.11 15.81
C MET A 6 -15.59 22.33 14.68
N ALA A 7 -16.38 22.08 13.62
CA ALA A 7 -15.83 21.37 12.47
C ALA A 7 -14.64 22.12 11.88
N ALA A 8 -14.66 23.46 11.94
CA ALA A 8 -13.58 24.24 11.37
C ALA A 8 -12.24 23.99 12.05
N GLU A 9 -12.23 23.43 13.25
CA GLU A 9 -10.98 23.22 13.98
C GLU A 9 -10.17 22.04 13.45
N TYR A 10 -10.75 21.17 12.63
CA TYR A 10 -10.12 19.91 12.25
C TYR A 10 -9.84 19.87 10.75
N LYS A 11 -8.59 20.17 10.38
CA LYS A 11 -8.16 20.12 8.99
C LYS A 11 -7.48 18.80 8.72
N PHE A 12 -7.95 18.08 7.73
CA PHE A 12 -7.31 16.81 7.48
C PHE A 12 -6.56 16.87 6.16
N PRO A 13 -5.37 16.27 6.08
CA PRO A 13 -4.56 16.39 4.87
C PRO A 13 -5.16 15.61 3.71
N ASP A 14 -5.17 16.22 2.53
CA ASP A 14 -5.58 15.52 1.33
C ASP A 14 -4.54 14.48 0.95
N PRO A 15 -4.94 13.42 0.24
CA PRO A 15 -3.94 12.54 -0.38
C PRO A 15 -3.02 13.32 -1.29
N ILE A 16 -1.78 12.83 -1.41
CA ILE A 16 -0.77 13.56 -2.16
C ILE A 16 -0.29 12.64 -3.28
N PRO A 17 -0.59 12.95 -4.53
CA PRO A 17 -0.17 12.05 -5.62
C PRO A 17 1.33 11.86 -5.69
N GLU A 18 2.12 12.87 -5.36
CA GLU A 18 3.57 12.72 -5.40
C GLU A 18 4.07 11.74 -4.35
N PHE A 19 3.44 11.76 -3.17
CA PHE A 19 3.78 10.76 -2.15
C PHE A 19 3.38 9.37 -2.61
N ALA A 20 2.16 9.24 -3.15
CA ALA A 20 1.69 7.96 -3.67
C ALA A 20 2.69 7.38 -4.67
N GLU A 21 3.16 8.22 -5.59
CA GLU A 21 4.11 7.76 -6.59
C GLU A 21 5.41 7.32 -5.95
N ALA A 22 5.98 8.16 -5.07
CA ALA A 22 7.26 7.82 -4.46
C ALA A 22 7.15 6.59 -3.57
N GLU A 23 6.08 6.49 -2.79
CA GLU A 23 5.92 5.34 -1.91
C GLU A 23 5.63 4.07 -2.71
N THR A 24 4.92 4.20 -3.82
CA THR A 24 4.69 3.04 -4.67
C THR A 24 6.00 2.50 -5.24
N GLU A 25 6.93 3.40 -5.58
CA GLU A 25 8.23 2.91 -6.07
C GLU A 25 8.96 2.10 -5.00
N LYS A 26 8.92 2.56 -3.74
CA LYS A 26 9.58 1.82 -2.68
C LYS A 26 8.90 0.48 -2.43
N PHE A 27 7.57 0.48 -2.45
CA PHE A 27 6.80 -0.74 -2.31
C PHE A 27 7.13 -1.73 -3.42
N ARG A 28 7.10 -1.26 -4.67
CA ARG A 28 7.40 -2.13 -5.80
C ARG A 28 8.79 -2.74 -5.67
N ASP A 29 9.77 -1.93 -5.31
CA ASP A 29 11.14 -2.44 -5.23
C ASP A 29 11.27 -3.46 -4.11
N HIS A 30 10.61 -3.20 -2.98
CA HIS A 30 10.61 -4.18 -1.90
C HIS A 30 9.95 -5.49 -2.35
N MET A 31 8.77 -5.39 -2.96
CA MET A 31 8.03 -6.59 -3.33
C MET A 31 8.77 -7.39 -4.39
N LEU A 32 9.32 -6.72 -5.41
CA LEU A 32 10.10 -7.43 -6.41
C LEU A 32 11.27 -8.16 -5.77
N ASN A 33 11.96 -7.50 -4.85
CA ASN A 33 13.11 -8.13 -4.21
C ASN A 33 12.68 -9.29 -3.33
N LYS A 34 11.64 -9.09 -2.53
CA LYS A 34 11.25 -10.13 -1.58
C LYS A 34 10.68 -11.35 -2.29
N LEU A 35 9.77 -11.14 -3.25
CA LEU A 35 9.16 -12.29 -3.91
C LEU A 35 10.07 -12.97 -4.93
N SER A 36 11.07 -12.27 -5.46
CA SER A 36 11.93 -12.86 -6.49
C SER A 36 12.68 -14.08 -5.99
N LYS A 37 12.96 -14.15 -4.70
CA LYS A 37 13.84 -15.20 -4.21
C LYS A 37 13.16 -16.55 -4.01
N ARG A 38 11.86 -16.65 -4.32
CA ARG A 38 11.04 -17.77 -3.85
C ARG A 38 10.45 -18.56 -5.00
N ASP A 39 10.54 -19.89 -4.90
CA ASP A 39 10.04 -20.77 -5.96
C ASP A 39 8.57 -20.52 -6.25
N LEU A 40 7.77 -20.20 -5.23
CA LEU A 40 6.33 -20.03 -5.44
C LEU A 40 6.04 -18.97 -6.48
N PHE A 41 6.89 -17.95 -6.59
CA PHE A 41 6.65 -16.81 -7.47
C PHE A 41 7.57 -16.80 -8.68
N GLU A 42 8.28 -17.90 -8.93
CA GLU A 42 9.43 -17.89 -9.84
C GLU A 42 9.08 -17.30 -11.20
N ASP A 43 8.00 -17.76 -11.81
CA ASP A 43 7.65 -17.33 -13.16
C ASP A 43 6.66 -16.17 -13.18
N SER A 44 6.21 -15.70 -12.03
CA SER A 44 5.13 -14.72 -12.00
C SER A 44 5.42 -13.51 -11.13
N VAL A 45 6.68 -13.27 -10.74
CA VAL A 45 6.95 -12.16 -9.81
C VAL A 45 6.47 -10.84 -10.40
N ASP A 46 6.80 -10.59 -11.67
CA ASP A 46 6.47 -9.30 -12.28
C ASP A 46 4.96 -9.08 -12.34
N GLU A 47 4.22 -10.09 -12.78
CA GLU A 47 2.77 -9.95 -12.88
C GLU A 47 2.16 -9.76 -11.49
N ILE A 48 2.57 -10.57 -10.53
CA ILE A 48 1.99 -10.48 -9.18
C ILE A 48 2.33 -9.15 -8.54
N VAL A 49 3.59 -8.73 -8.67
CA VAL A 49 3.97 -7.43 -8.12
C VAL A 49 3.20 -6.33 -8.84
N GLY A 50 2.99 -6.48 -10.15
CA GLY A 50 2.22 -5.49 -10.89
C GLY A 50 0.81 -5.34 -10.36
N VAL A 51 0.16 -6.46 -10.04
CA VAL A 51 -1.18 -6.40 -9.46
C VAL A 51 -1.14 -5.66 -8.13
N CYS A 52 -0.21 -6.02 -7.27
CA CYS A 52 -0.16 -5.40 -5.94
C CYS A 52 0.17 -3.92 -6.03
N THR A 53 1.11 -3.56 -6.91
CA THR A 53 1.55 -2.17 -7.03
CA THR A 53 1.52 -2.17 -6.96
C THR A 53 0.44 -1.29 -7.56
N GLU A 54 -0.32 -1.79 -8.54
CA GLU A 54 -1.40 -0.98 -9.10
C GLU A 54 -2.46 -0.70 -8.03
N ILE A 55 -2.85 -1.74 -7.28
CA ILE A 55 -3.84 -1.55 -6.22
C ILE A 55 -3.31 -0.60 -5.14
N PHE A 56 -2.05 -0.78 -4.76
CA PHE A 56 -1.43 0.05 -3.73
C PHE A 56 -1.39 1.51 -4.16
N GLU A 57 -0.87 1.79 -5.36
CA GLU A 57 -0.76 3.17 -5.83
C GLU A 57 -2.13 3.82 -5.92
N THR A 58 -3.12 3.09 -6.44
CA THR A 58 -4.46 3.65 -6.55
C THR A 58 -4.99 4.04 -5.19
N PHE A 59 -4.74 3.21 -4.18
CA PHE A 59 -5.22 3.54 -2.84
C PHE A 59 -4.46 4.74 -2.27
N LEU A 60 -3.12 4.77 -2.42
CA LEU A 60 -2.38 5.90 -1.88
C LEU A 60 -2.77 7.20 -2.58
N ARG A 61 -3.03 7.13 -3.89
CA ARG A 61 -3.28 8.32 -4.69
C ARG A 61 -4.63 8.95 -4.34
N SER A 62 -5.64 8.13 -4.07
CA SER A 62 -7.00 8.61 -3.87
C SER A 62 -7.45 8.61 -2.42
N GLU A 63 -6.93 7.70 -1.59
CA GLU A 63 -7.54 7.38 -0.32
C GLU A 63 -6.65 7.61 0.90
N TYR A 64 -5.32 7.65 0.75
CA TYR A 64 -4.43 7.70 1.89
C TYR A 64 -4.12 9.15 2.25
N GLY A 65 -4.51 9.56 3.45
CA GLY A 65 -4.22 10.90 3.92
C GLY A 65 -3.52 10.90 5.26
N GLY A 66 -2.53 10.03 5.40
CA GLY A 66 -1.76 9.95 6.62
C GLY A 66 -2.31 8.98 7.63
N PRO A 67 -1.74 8.99 8.84
CA PRO A 67 -2.17 8.04 9.87
C PRO A 67 -3.68 8.08 10.09
N GLY A 68 -4.26 6.91 10.26
CA GLY A 68 -5.69 6.80 10.41
C GLY A 68 -6.45 6.53 9.14
N THR A 69 -5.76 6.35 8.00
CA THR A 69 -6.44 6.14 6.73
C THR A 69 -5.93 4.95 5.93
N LEU A 70 -4.87 4.26 6.37
CA LEU A 70 -4.42 3.08 5.64
C LEU A 70 -5.31 1.91 6.03
N LEU A 71 -6.33 1.64 5.20
CA LEU A 71 -7.29 0.58 5.45
C LEU A 71 -6.70 -0.77 5.08
N VAL A 72 -7.33 -1.83 5.56
CA VAL A 72 -6.90 -3.16 5.16
C VAL A 72 -7.39 -3.52 3.77
N ILE A 73 -8.41 -2.81 3.26
CA ILE A 73 -9.09 -3.24 2.04
C ILE A 73 -8.17 -3.36 0.83
N PRO A 74 -7.19 -2.48 0.58
CA PRO A 74 -6.32 -2.73 -0.59
C PRO A 74 -5.58 -4.04 -0.52
N PHE A 75 -5.23 -4.51 0.67
CA PHE A 75 -4.48 -5.77 0.79
C PHE A 75 -5.40 -6.97 0.63
N ILE A 76 -6.65 -6.84 1.06
CA ILE A 76 -7.66 -7.82 0.70
C ILE A 76 -7.85 -7.85 -0.81
N ASP A 77 -7.92 -6.66 -1.44
CA ASP A 77 -8.05 -6.57 -2.88
C ASP A 77 -6.89 -7.27 -3.59
N MET A 78 -5.68 -7.15 -3.04
CA MET A 78 -4.53 -7.85 -3.64
C MET A 78 -4.72 -9.35 -3.60
N ALA A 79 -5.08 -9.90 -2.44
CA ALA A 79 -5.28 -11.35 -2.37
C ALA A 79 -6.45 -11.78 -3.25
N ASP A 80 -7.54 -11.03 -3.24
CA ASP A 80 -8.71 -11.41 -4.04
C ASP A 80 -8.37 -11.37 -5.54
N THR A 81 -7.69 -10.33 -5.98
CA THR A 81 -7.34 -10.23 -7.39
C THR A 81 -6.42 -11.36 -7.80
N LEU A 82 -5.41 -11.66 -6.98
CA LEU A 82 -4.52 -12.77 -7.31
C LEU A 82 -5.28 -14.10 -7.33
N ASN A 83 -6.20 -14.29 -6.38
CA ASN A 83 -7.02 -15.50 -6.36
C ASN A 83 -7.93 -15.58 -7.58
N GLU A 84 -8.55 -14.44 -7.98
CA GLU A 84 -9.44 -14.43 -9.12
C GLU A 84 -8.72 -14.82 -10.40
N ARG A 85 -7.49 -14.35 -10.55
CA ARG A 85 -6.69 -14.64 -11.73
C ARG A 85 -5.95 -15.95 -11.62
N GLU A 86 -6.22 -16.72 -10.58
CA GLU A 86 -5.57 -18.03 -10.37
C GLU A 86 -4.05 -17.91 -10.35
N LEU A 87 -3.54 -16.80 -9.82
CA LEU A 87 -2.10 -16.64 -9.63
C LEU A 87 -1.71 -17.21 -8.27
N PRO A 88 -0.83 -18.21 -8.20
CA PRO A 88 -0.49 -18.79 -6.91
C PRO A 88 0.21 -17.80 -6.00
N GLY A 89 -0.01 -17.97 -4.70
CA GLY A 89 0.66 -17.15 -3.72
C GLY A 89 -0.07 -15.89 -3.34
N GLY A 90 -1.36 -15.79 -3.65
CA GLY A 90 -2.16 -14.65 -3.25
C GLY A 90 -2.06 -14.30 -1.76
N PRO A 91 -2.30 -15.27 -0.88
CA PRO A 91 -2.14 -14.97 0.56
C PRO A 91 -0.74 -14.53 0.89
N GLN A 92 0.27 -15.20 0.34
CA GLN A 92 1.65 -14.86 0.65
C GLN A 92 2.00 -13.45 0.16
N ALA A 93 1.59 -13.09 -1.05
CA ALA A 93 1.93 -11.77 -1.57
C ALA A 93 1.22 -10.68 -0.79
N ALA A 94 -0.08 -10.88 -0.53
CA ALA A 94 -0.81 -9.86 0.22
C ALA A 94 -0.26 -9.72 1.62
N ARG A 95 0.19 -10.81 2.23
CA ARG A 95 0.79 -10.70 3.56
C ARG A 95 2.12 -9.95 3.51
N ALA A 96 2.94 -10.21 2.49
CA ALA A 96 4.16 -9.44 2.34
C ALA A 96 3.84 -7.96 2.15
N ALA A 97 2.81 -7.66 1.35
CA ALA A 97 2.44 -6.28 1.08
C ALA A 97 1.98 -5.57 2.33
N ILE A 98 1.13 -6.23 3.13
CA ILE A 98 0.58 -5.54 4.28
C ILE A 98 1.64 -5.39 5.36
N LYS A 99 2.56 -6.35 5.48
CA LYS A 99 3.62 -6.24 6.48
C LYS A 99 4.51 -5.05 6.16
N TRP A 100 4.90 -4.92 4.89
CA TRP A 100 5.71 -3.77 4.50
C TRP A 100 4.96 -2.48 4.74
N ALA A 101 3.69 -2.43 4.32
CA ALA A 101 2.90 -1.20 4.47
C ALA A 101 2.72 -0.84 5.92
N GLN A 102 2.45 -1.84 6.78
CA GLN A 102 2.34 -1.58 8.21
C GLN A 102 3.63 -1.00 8.76
N ASP A 103 4.75 -1.48 8.26
CA ASP A 103 6.04 -1.05 8.76
C ASP A 103 6.46 0.32 8.24
N HIS A 104 5.93 0.75 7.10
CA HIS A 104 6.54 1.91 6.46
C HIS A 104 5.60 3.05 6.14
N VAL A 105 4.36 2.79 5.75
CA VAL A 105 3.60 3.81 5.04
C VAL A 105 3.37 5.03 5.93
N ASP A 106 2.82 4.83 7.15
CA ASP A 106 2.59 5.97 8.04
C ASP A 106 3.90 6.68 8.39
N LYS A 107 4.95 5.92 8.71
CA LYS A 107 6.24 6.52 9.03
C LYS A 107 6.75 7.34 7.86
N ASP A 108 6.66 6.79 6.64
CA ASP A 108 7.15 7.49 5.47
C ASP A 108 6.31 8.73 5.17
N TRP A 109 5.01 8.68 5.42
CA TRP A 109 4.18 9.87 5.28
C TRP A 109 4.63 10.98 6.23
N LYS A 110 4.85 10.64 7.50
CA LYS A 110 5.33 11.63 8.45
C LYS A 110 6.64 12.25 7.99
N GLU A 111 7.58 11.40 7.55
N GLU A 111 7.57 11.41 7.53
CA GLU A 111 8.86 11.91 7.05
CA GLU A 111 8.86 11.92 7.07
C GLU A 111 8.67 12.75 5.81
C GLU A 111 8.70 12.73 5.79
N TRP A 112 7.90 12.24 4.85
CA TRP A 112 7.72 12.93 3.57
C TRP A 112 7.05 14.29 3.76
N THR A 113 6.03 14.36 4.60
CA THR A 113 5.35 15.62 4.87
C THR A 113 6.04 16.45 5.94
N GLY A 114 7.11 15.95 6.55
CA GLY A 114 7.75 16.67 7.62
C GLY A 114 6.90 16.82 8.86
N THR A 115 6.19 15.77 9.26
CA THR A 115 5.37 15.81 10.48
C THR A 115 5.72 14.67 11.42
C1 GOL B . -6.16 -11.63 3.35
O1 GOL B . -5.44 -12.71 2.82
C2 GOL B . -5.30 -10.38 3.13
O2 GOL B . -5.86 -9.25 3.69
C3 GOL B . -3.95 -10.70 3.79
O3 GOL B . -3.37 -9.45 3.98
#